data_2IXY
#
_entry.id   2IXY
#
_cell.length_a   1.000
_cell.length_b   1.000
_cell.length_c   1.000
_cell.angle_alpha   90.00
_cell.angle_beta   90.00
_cell.angle_gamma   90.00
#
_symmetry.space_group_name_H-M   'P 1'
#
_entity_poly.entity_id   1
_entity_poly.type   'polyribonucleotide'
_entity_poly.pdbx_seq_one_letter_code
;GGCCUCCAAGCUGUGCCUUGGGUGGCC
;
_entity_poly.pdbx_strand_id   A
#